data_2AZ5
#
_entry.id   2AZ5
#
_cell.length_a   165.254
_cell.length_b   165.254
_cell.length_c   63.728
_cell.angle_alpha   90.00
_cell.angle_beta   90.00
_cell.angle_gamma   120.00
#
_symmetry.space_group_name_H-M   'H 3'
#
loop_
_entity.id
_entity.type
_entity.pdbx_description
1 polymer 'Tumor necrosis factor (TNF-alpha) (Tumor necrosis factor ligand superfamily member 2) (TNF-a) (Cachectin) [Contains: Tumor necrosis factor, membrane form; Tumor necrosis factor, soluble form]'
2 non-polymer 6,7-DIMETHYL-3-[(METHYL{2-[METHYL({1-[3-(TRIFLUOROMETHYL)PHENYL]-1H-INDOL-3-YL}METHYL)AMINO]ETHYL}AMINO)METHYL]-4H-CHROMEN-4-ONE
3 water water
#
_entity_poly.entity_id   1
_entity_poly.type   'polypeptide(L)'
_entity_poly.pdbx_seq_one_letter_code
;DKPVAHVVANPQAEGQLQWLNRRANALLANGVELRDNQLVVPSEGLYLIYSQVLFKGQGCPSTHVLLTHTISRIAVSYQT
KVNLLSAIKSPCQRETPEGAEAKPWYEPIYLGGVFQLEKGDRLSAEINRPDYLDFAESGQVYFGIIAL
;
_entity_poly.pdbx_strand_id   A,B,C,D
#
loop_
_chem_comp.id
_chem_comp.type
_chem_comp.name
_chem_comp.formula
307 non-polymer 6,7-DIMETHYL-3-[(METHYL{2-[METHYL({1-[3-(TRIFLUOROMETHYL)PHENYL]-1H-INDOL-3-YL}METHYL)AMINO]ETHYL}AMINO)METHYL]-4H-CHROMEN-4-ONE 'C32 H32 F3 N3 O2'
#
# COMPACT_ATOMS: atom_id res chain seq x y z
N ASP A 1 -16.10 -10.44 -3.50
CA ASP A 1 -16.58 -11.10 -4.76
C ASP A 1 -15.55 -11.12 -5.88
N LYS A 2 -14.55 -10.25 -5.75
CA LYS A 2 -13.56 -10.00 -6.80
C LYS A 2 -12.48 -11.08 -6.80
N PRO A 3 -12.17 -11.63 -7.99
CA PRO A 3 -11.15 -12.67 -8.17
C PRO A 3 -9.80 -12.29 -7.58
N VAL A 4 -9.18 -13.26 -6.92
CA VAL A 4 -7.88 -13.05 -6.30
C VAL A 4 -7.14 -14.38 -6.27
N ALA A 5 -5.83 -14.32 -6.42
CA ALA A 5 -4.97 -15.49 -6.33
C ALA A 5 -3.61 -15.11 -5.77
N HIS A 6 -2.99 -16.09 -5.12
CA HIS A 6 -1.63 -15.96 -4.65
C HIS A 6 -1.12 -17.38 -4.47
N VAL A 7 -0.37 -17.82 -5.46
CA VAL A 7 0.20 -19.15 -5.47
C VAL A 7 1.71 -19.07 -5.22
N VAL A 8 2.22 -20.07 -4.50
CA VAL A 8 3.61 -20.15 -4.10
C VAL A 8 4.29 -21.32 -4.79
N ALA A 9 5.60 -21.22 -4.97
CA ALA A 9 6.36 -22.23 -5.71
C ALA A 9 6.51 -23.52 -4.90
N ASN A 10 6.59 -24.64 -5.60
CA ASN A 10 6.84 -25.93 -4.97
C ASN A 10 8.33 -26.11 -4.71
N PRO A 11 8.76 -26.17 -3.44
CA PRO A 11 10.18 -26.33 -3.14
C PRO A 11 10.75 -27.71 -3.51
N GLN A 12 9.90 -28.62 -4.00
CA GLN A 12 10.32 -29.99 -4.32
C GLN A 12 10.20 -30.32 -5.82
N ALA A 13 9.93 -29.32 -6.66
CA ALA A 13 9.83 -29.57 -8.10
C ALA A 13 11.23 -29.72 -8.72
N GLU A 14 11.33 -30.49 -9.79
CA GLU A 14 12.61 -30.76 -10.46
C GLU A 14 12.78 -29.95 -11.73
N GLY A 15 13.78 -29.07 -11.73
CA GLY A 15 14.17 -28.29 -12.92
C GLY A 15 13.06 -27.42 -13.50
N GLN A 16 12.22 -26.93 -12.60
CA GLN A 16 11.07 -26.11 -13.01
C GLN A 16 10.56 -25.20 -11.89
N LEU A 17 10.00 -24.06 -12.27
CA LEU A 17 9.26 -23.23 -11.33
C LEU A 17 7.79 -23.68 -11.41
N GLN A 18 7.30 -24.24 -10.31
CA GLN A 18 5.96 -24.85 -10.27
C GLN A 18 5.11 -24.27 -9.15
N TRP A 19 3.95 -23.72 -9.50
CA TRP A 19 3.05 -23.09 -8.51
C TRP A 19 2.15 -24.10 -7.80
N LEU A 20 2.15 -24.03 -6.48
CA LEU A 20 1.27 -24.86 -5.63
C LEU A 20 -0.11 -24.22 -5.51
N ASN A 21 -1.13 -25.07 -5.50
CA ASN A 21 -2.50 -24.66 -5.16
C ASN A 21 -2.69 -24.59 -3.64
N LEU A 27 -4.15 -17.43 -1.70
CA LEU A 27 -5.36 -18.20 -1.97
C LEU A 27 -5.59 -18.46 -3.47
N LEU A 28 -6.77 -18.98 -3.79
CA LEU A 28 -7.23 -19.17 -5.15
C LEU A 28 -8.75 -19.08 -5.11
N ALA A 29 -9.27 -17.86 -5.17
CA ALA A 29 -10.68 -17.64 -4.86
C ALA A 29 -11.47 -16.84 -5.90
N ASN A 30 -12.79 -16.88 -5.74
CA ASN A 30 -13.74 -16.12 -6.56
C ASN A 30 -13.56 -16.36 -8.06
N GLY A 31 -13.10 -17.56 -8.41
CA GLY A 31 -13.11 -18.00 -9.78
C GLY A 31 -11.76 -18.16 -10.42
N VAL A 32 -10.70 -17.70 -9.76
CA VAL A 32 -9.36 -17.89 -10.30
C VAL A 32 -9.01 -19.39 -10.21
N GLU A 33 -8.45 -19.92 -11.29
CA GLU A 33 -8.00 -21.31 -11.36
C GLU A 33 -6.50 -21.38 -11.66
N LEU A 34 -5.84 -22.44 -11.19
CA LEU A 34 -4.47 -22.76 -11.60
C LEU A 34 -4.52 -23.99 -12.51
N ARG A 35 -4.10 -23.81 -13.76
CA ARG A 35 -4.21 -24.87 -14.75
C ARG A 35 -3.04 -24.82 -15.73
N ASP A 36 -2.30 -25.93 -15.82
CA ASP A 36 -1.08 -26.03 -16.64
C ASP A 36 -0.01 -25.00 -16.18
N ASN A 37 0.12 -24.84 -14.86
CA ASN A 37 1.08 -23.94 -14.23
C ASN A 37 0.78 -22.44 -14.46
N GLN A 38 -0.49 -22.14 -14.76
CA GLN A 38 -0.90 -20.81 -15.19
C GLN A 38 -2.14 -20.38 -14.45
N LEU A 39 -2.25 -19.09 -14.11
CA LEU A 39 -3.46 -18.58 -13.49
C LEU A 39 -4.46 -18.27 -14.58
N VAL A 40 -5.71 -18.63 -14.37
CA VAL A 40 -6.73 -18.41 -15.37
C VAL A 40 -7.72 -17.42 -14.80
N VAL A 41 -8.01 -16.37 -15.56
CA VAL A 41 -8.87 -15.29 -15.11
C VAL A 41 -10.34 -15.65 -15.38
N PRO A 42 -11.22 -15.51 -14.37
CA PRO A 42 -12.62 -15.91 -14.52
C PRO A 42 -13.53 -14.84 -15.14
N SER A 43 -13.08 -13.59 -15.18
CA SER A 43 -13.86 -12.51 -15.78
C SER A 43 -13.00 -11.37 -16.32
N GLU A 44 -13.55 -10.69 -17.32
CA GLU A 44 -12.98 -9.49 -17.88
C GLU A 44 -12.83 -8.44 -16.76
N GLY A 45 -11.76 -7.65 -16.84
CA GLY A 45 -11.54 -6.60 -15.85
C GLY A 45 -10.08 -6.22 -15.68
N LEU A 46 -9.87 -5.22 -14.83
CA LEU A 46 -8.56 -4.72 -14.48
C LEU A 46 -8.00 -5.58 -13.36
N TYR A 47 -6.79 -6.06 -13.57
CA TYR A 47 -6.14 -6.90 -12.59
C TYR A 47 -4.77 -6.32 -12.25
N LEU A 48 -4.49 -6.26 -10.96
CA LEU A 48 -3.12 -6.12 -10.46
C LEU A 48 -2.47 -7.48 -10.60
N ILE A 49 -1.29 -7.54 -11.19
CA ILE A 49 -0.56 -8.79 -11.31
C ILE A 49 0.80 -8.57 -10.67
N TYR A 50 1.26 -9.54 -9.90
CA TYR A 50 2.52 -9.41 -9.19
C TYR A 50 3.16 -10.76 -8.96
N SER A 51 4.48 -10.71 -8.77
CA SER A 51 5.25 -11.90 -8.47
C SER A 51 6.58 -11.53 -7.86
N GLN A 52 7.16 -12.51 -7.16
CA GLN A 52 8.51 -12.39 -6.64
C GLN A 52 9.15 -13.77 -6.73
N VAL A 53 10.38 -13.80 -7.25
CA VAL A 53 11.20 -15.01 -7.26
C VAL A 53 12.52 -14.68 -6.58
N LEU A 54 13.01 -15.57 -5.72
CA LEU A 54 14.30 -15.38 -5.07
C LEU A 54 15.34 -16.34 -5.65
N PHE A 55 16.49 -15.79 -6.06
CA PHE A 55 17.58 -16.62 -6.59
C PHE A 55 18.76 -16.54 -5.64
N LYS A 56 19.53 -17.64 -5.55
CA LYS A 56 20.76 -17.60 -4.78
C LYS A 56 21.81 -18.55 -5.35
N GLY A 57 23.07 -18.21 -5.12
CA GLY A 57 24.17 -19.01 -5.62
C GLY A 57 25.39 -18.85 -4.73
N GLN A 58 26.36 -19.74 -4.92
CA GLN A 58 27.56 -19.77 -4.09
C GLN A 58 28.77 -19.40 -4.93
N GLY A 59 29.32 -18.21 -4.66
CA GLY A 59 30.43 -17.68 -5.44
C GLY A 59 30.07 -17.42 -6.90
N CYS A 60 31.05 -17.01 -7.69
CA CYS A 60 30.82 -16.64 -9.08
C CYS A 60 31.71 -17.39 -10.06
N PRO A 61 31.08 -18.12 -11.03
CA PRO A 61 31.79 -19.01 -11.95
C PRO A 61 32.47 -18.29 -13.11
N SER A 62 32.82 -19.06 -14.14
CA SER A 62 33.45 -18.54 -15.36
C SER A 62 32.38 -18.25 -16.43
N THR A 63 31.32 -19.04 -16.44
CA THR A 63 30.14 -18.75 -17.26
C THR A 63 29.34 -17.62 -16.59
N HIS A 64 28.96 -16.62 -17.38
CA HIS A 64 28.27 -15.44 -16.85
C HIS A 64 26.78 -15.69 -16.59
N VAL A 65 26.39 -15.63 -15.32
CA VAL A 65 25.03 -15.93 -14.89
C VAL A 65 24.05 -14.78 -15.20
N LEU A 66 23.10 -15.04 -16.10
CA LEU A 66 21.94 -14.14 -16.27
C LEU A 66 20.68 -14.79 -15.69
N LEU A 67 19.99 -14.05 -14.82
CA LEU A 67 18.74 -14.51 -14.22
C LEU A 67 17.58 -13.71 -14.80
N THR A 68 16.62 -14.37 -15.44
CA THR A 68 15.45 -13.69 -16.00
C THR A 68 14.16 -14.15 -15.33
N HIS A 69 13.19 -13.25 -15.25
CA HIS A 69 11.86 -13.56 -14.73
C HIS A 69 10.84 -12.75 -15.50
N THR A 70 9.81 -13.43 -16.03
CA THR A 70 8.76 -12.78 -16.80
C THR A 70 7.37 -13.35 -16.54
N ILE A 71 6.39 -12.45 -16.57
CA ILE A 71 4.98 -12.80 -16.55
C ILE A 71 4.42 -12.59 -17.94
N SER A 72 3.72 -13.61 -18.44
CA SER A 72 3.12 -13.61 -19.77
C SER A 72 1.60 -13.72 -19.74
N ARG A 73 0.95 -13.12 -20.73
CA ARG A 73 -0.47 -13.20 -20.88
C ARG A 73 -0.74 -14.10 -22.07
N ILE A 74 -1.43 -15.20 -21.79
CA ILE A 74 -1.94 -16.07 -22.83
C ILE A 74 -3.40 -15.73 -23.03
N ALA A 75 -3.64 -14.91 -24.04
CA ALA A 75 -4.95 -14.54 -24.50
C ALA A 75 -5.47 -15.68 -25.36
N VAL A 76 -6.42 -16.44 -24.81
CA VAL A 76 -6.87 -17.69 -25.40
C VAL A 76 -7.66 -17.52 -26.71
N SER A 77 -8.64 -16.62 -26.71
CA SER A 77 -9.48 -16.42 -27.90
C SER A 77 -8.84 -15.50 -28.94
N TYR A 78 -8.03 -14.54 -28.49
CA TYR A 78 -7.27 -13.70 -29.41
C TYR A 78 -6.01 -14.42 -29.95
N GLN A 79 -5.70 -15.58 -29.36
CA GLN A 79 -4.72 -16.56 -29.87
C GLN A 79 -3.24 -16.11 -29.85
N THR A 80 -2.99 -14.90 -29.34
CA THR A 80 -1.61 -14.40 -29.21
C THR A 80 -1.09 -14.48 -27.77
N LYS A 81 0.22 -14.34 -27.61
CA LYS A 81 0.89 -14.40 -26.31
C LYS A 81 2.04 -13.40 -26.19
N VAL A 82 1.96 -12.50 -25.20
CA VAL A 82 2.96 -11.46 -25.03
C VAL A 82 3.43 -11.33 -23.57
N ASN A 83 4.68 -10.87 -23.39
CA ASN A 83 5.19 -10.54 -22.08
C ASN A 83 4.44 -9.36 -21.52
N LEU A 84 3.93 -9.48 -20.31
CA LEU A 84 3.39 -8.34 -19.58
C LEU A 84 4.49 -7.60 -18.83
N LEU A 85 5.31 -8.37 -18.12
CA LEU A 85 6.31 -7.83 -17.22
C LEU A 85 7.55 -8.70 -17.27
N SER A 86 8.72 -8.07 -17.39
CA SER A 86 9.97 -8.81 -17.39
C SER A 86 11.13 -8.06 -16.74
N ALA A 87 12.03 -8.79 -16.08
CA ALA A 87 13.27 -8.20 -15.57
C ALA A 87 14.40 -9.22 -15.55
N ILE A 88 15.62 -8.69 -15.48
CA ILE A 88 16.82 -9.50 -15.62
C ILE A 88 17.83 -9.01 -14.60
N LYS A 89 18.57 -9.93 -14.00
CA LYS A 89 19.64 -9.58 -13.11
C LYS A 89 20.92 -10.36 -13.41
N SER A 90 22.05 -9.71 -13.17
CA SER A 90 23.35 -10.32 -13.38
C SER A 90 24.04 -10.34 -12.04
N PRO A 91 23.93 -11.46 -11.30
CA PRO A 91 24.41 -11.48 -9.92
C PRO A 91 25.93 -11.40 -9.78
N CYS A 92 26.66 -11.69 -10.86
CA CYS A 92 28.12 -11.62 -10.82
C CYS A 92 28.70 -10.59 -11.78
N PRO A 104 28.81 -16.09 -1.66
CA PRO A 104 27.37 -16.34 -1.50
C PRO A 104 26.52 -15.13 -1.88
N TRP A 105 25.87 -15.18 -3.03
CA TRP A 105 25.02 -14.08 -3.51
C TRP A 105 23.54 -14.39 -3.43
N TYR A 106 22.73 -13.33 -3.29
CA TYR A 106 21.28 -13.43 -3.19
C TYR A 106 20.65 -12.33 -4.04
N GLU A 107 19.71 -12.71 -4.90
CA GLU A 107 19.00 -11.74 -5.73
C GLU A 107 17.51 -12.04 -5.81
N PRO A 108 16.68 -11.04 -5.51
CA PRO A 108 15.25 -11.12 -5.85
C PRO A 108 14.96 -10.49 -7.19
N ILE A 109 13.87 -10.91 -7.82
CA ILE A 109 13.30 -10.19 -8.95
C ILE A 109 11.80 -10.05 -8.70
N TYR A 110 11.31 -8.82 -8.69
CA TYR A 110 9.88 -8.48 -8.48
C TYR A 110 9.28 -8.05 -9.82
N LEU A 111 7.98 -8.27 -9.99
CA LEU A 111 7.27 -7.78 -11.17
C LEU A 111 5.91 -7.33 -10.70
N GLY A 112 5.37 -6.29 -11.33
CA GLY A 112 4.02 -5.87 -10.98
C GLY A 112 3.47 -4.74 -11.79
N GLY A 113 2.17 -4.80 -12.05
CA GLY A 113 1.50 -3.74 -12.76
C GLY A 113 0.02 -4.03 -12.90
N VAL A 114 -0.71 -3.05 -13.43
CA VAL A 114 -2.14 -3.22 -13.68
C VAL A 114 -2.41 -3.47 -15.17
N PHE A 115 -3.28 -4.43 -15.42
CA PHE A 115 -3.56 -4.93 -16.75
C PHE A 115 -5.05 -5.18 -16.89
N GLN A 116 -5.56 -4.93 -18.10
CA GLN A 116 -6.91 -5.27 -18.50
C GLN A 116 -6.85 -6.67 -19.11
N LEU A 117 -7.60 -7.59 -18.52
CA LEU A 117 -7.61 -8.97 -19.00
C LEU A 117 -9.00 -9.38 -19.45
N GLU A 118 -9.06 -10.43 -20.26
CA GLU A 118 -10.32 -10.94 -20.78
C GLU A 118 -10.60 -12.28 -20.11
N LYS A 119 -11.88 -12.66 -20.07
CA LYS A 119 -12.29 -13.92 -19.46
C LYS A 119 -11.54 -15.09 -20.08
N GLY A 120 -11.03 -15.97 -19.23
CA GLY A 120 -10.31 -17.14 -19.72
C GLY A 120 -8.86 -16.89 -20.11
N ASP A 121 -8.39 -15.64 -20.01
CA ASP A 121 -6.95 -15.37 -20.17
C ASP A 121 -6.15 -16.18 -19.16
N ARG A 122 -4.97 -16.60 -19.57
CA ARG A 122 -4.11 -17.42 -18.75
C ARG A 122 -2.83 -16.65 -18.49
N LEU A 123 -2.29 -16.78 -17.29
CA LEU A 123 -1.12 -15.99 -16.94
C LEU A 123 -0.01 -16.91 -16.48
N SER A 124 1.17 -16.76 -17.05
CA SER A 124 2.33 -17.50 -16.56
C SER A 124 3.41 -16.62 -15.95
N ALA A 125 4.04 -17.12 -14.89
CA ALA A 125 5.23 -16.51 -14.32
C ALA A 125 6.37 -17.52 -14.44
N GLU A 126 7.37 -17.18 -15.24
CA GLU A 126 8.43 -18.08 -15.61
C GLU A 126 9.80 -17.45 -15.30
N ILE A 127 10.78 -18.34 -15.10
CA ILE A 127 12.21 -17.96 -14.98
C ILE A 127 13.07 -18.79 -15.97
N ASN A 128 14.34 -18.46 -16.05
CA ASN A 128 15.24 -19.17 -16.94
C ASN A 128 16.12 -20.18 -16.23
N ARG A 129 16.32 -19.98 -14.93
CA ARG A 129 17.28 -20.78 -14.14
C ARG A 129 16.70 -21.31 -12.83
N PRO A 130 15.82 -22.35 -12.92
CA PRO A 130 15.17 -22.93 -11.75
C PRO A 130 16.17 -23.47 -10.73
N ASP A 131 17.34 -23.89 -11.19
CA ASP A 131 18.40 -24.43 -10.34
C ASP A 131 18.94 -23.41 -9.35
N TYR A 132 18.75 -22.13 -9.64
CA TYR A 132 19.21 -21.06 -8.75
C TYR A 132 18.15 -20.65 -7.74
N LEU A 133 16.94 -21.19 -7.88
CA LEU A 133 15.84 -20.79 -7.00
C LEU A 133 16.23 -20.96 -5.55
N ASP A 134 15.82 -20.00 -4.73
CA ASP A 134 16.13 -19.96 -3.31
C ASP A 134 14.87 -20.22 -2.47
N PHE A 135 14.75 -21.44 -1.98
CA PHE A 135 13.62 -21.85 -1.14
C PHE A 135 13.93 -21.76 0.35
N ALA A 136 15.01 -21.07 0.71
CA ALA A 136 15.41 -20.94 2.12
C ALA A 136 14.30 -20.36 3.00
N GLU A 137 13.65 -19.31 2.50
CA GLU A 137 12.47 -18.75 3.14
C GLU A 137 11.23 -19.27 2.41
N SER A 138 10.39 -19.99 3.13
CA SER A 138 9.29 -20.77 2.54
C SER A 138 8.28 -19.97 1.71
N GLY A 139 7.69 -18.94 2.31
CA GLY A 139 6.66 -18.16 1.61
C GLY A 139 7.17 -16.91 0.93
N GLN A 140 8.12 -17.07 -0.01
CA GLN A 140 8.79 -15.90 -0.62
C GLN A 140 8.97 -15.96 -2.15
N VAL A 141 8.63 -17.10 -2.73
CA VAL A 141 8.53 -17.23 -4.18
C VAL A 141 7.04 -17.39 -4.47
N TYR A 142 6.47 -16.38 -5.13
CA TYR A 142 5.02 -16.27 -5.31
C TYR A 142 4.62 -15.49 -6.57
N PHE A 143 3.34 -15.62 -6.91
CA PHE A 143 2.76 -15.12 -8.13
C PHE A 143 1.30 -14.92 -7.76
N GLY A 144 0.77 -13.76 -8.07
CA GLY A 144 -0.59 -13.46 -7.70
C GLY A 144 -1.27 -12.45 -8.59
N ILE A 145 -2.59 -12.41 -8.48
CA ILE A 145 -3.43 -11.40 -9.14
C ILE A 145 -4.53 -10.94 -8.19
N ILE A 146 -4.99 -9.72 -8.43
CA ILE A 146 -6.01 -9.08 -7.60
C ILE A 146 -6.84 -8.29 -8.58
N ALA A 147 -8.08 -8.71 -8.81
CA ALA A 147 -9.02 -7.97 -9.65
C ALA A 147 -9.34 -6.66 -8.94
N LEU A 148 -9.31 -5.55 -9.69
CA LEU A 148 -9.75 -4.27 -9.14
C LEU A 148 -11.24 -4.07 -9.42
N ASP B 1 -14.36 1.78 -11.95
CA ASP B 1 -14.57 3.24 -11.77
C ASP B 1 -13.25 3.99 -11.70
N LYS B 2 -12.27 3.42 -11.01
CA LYS B 2 -11.07 4.13 -10.60
C LYS B 2 -10.11 4.41 -11.76
N PRO B 3 -9.55 5.64 -11.79
CA PRO B 3 -8.52 5.91 -12.78
C PRO B 3 -7.32 4.98 -12.59
N VAL B 4 -6.80 4.48 -13.70
CA VAL B 4 -5.67 3.57 -13.72
C VAL B 4 -4.92 3.77 -15.02
N ALA B 5 -3.60 3.58 -14.98
CA ALA B 5 -2.78 3.57 -16.19
C ALA B 5 -1.61 2.63 -15.99
N HIS B 6 -1.08 2.15 -17.09
CA HIS B 6 0.15 1.37 -17.13
C HIS B 6 0.74 1.58 -18.52
N VAL B 7 1.86 2.28 -18.62
CA VAL B 7 2.41 2.63 -19.93
C VAL B 7 3.82 2.05 -19.99
N VAL B 8 4.33 1.90 -21.21
CA VAL B 8 5.54 1.12 -21.44
C VAL B 8 6.42 1.88 -22.38
N ALA B 9 7.72 1.61 -22.33
CA ALA B 9 8.64 2.39 -23.13
C ALA B 9 8.48 2.02 -24.61
N ASN B 10 8.70 3.00 -25.48
CA ASN B 10 8.66 2.82 -26.92
C ASN B 10 10.00 2.24 -27.36
N PRO B 11 10.01 0.98 -27.84
CA PRO B 11 11.29 0.38 -28.25
C PRO B 11 11.86 0.98 -29.53
N GLN B 12 11.08 1.83 -30.18
CA GLN B 12 11.54 2.45 -31.43
C GLN B 12 12.05 3.85 -31.20
N ALA B 13 11.99 4.32 -29.96
CA ALA B 13 12.50 5.65 -29.64
C ALA B 13 13.91 5.61 -29.04
N GLU B 14 14.91 5.80 -29.89
CA GLU B 14 16.33 5.81 -29.47
C GLU B 14 16.73 7.09 -28.75
N GLY B 15 17.51 6.96 -27.69
CA GLY B 15 18.01 8.14 -26.96
C GLY B 15 16.94 8.82 -26.13
N GLN B 16 15.83 8.11 -25.91
CA GLN B 16 14.81 8.63 -25.02
C GLN B 16 14.01 7.54 -24.36
N LEU B 17 13.30 7.93 -23.32
CA LEU B 17 12.33 7.10 -22.64
C LEU B 17 10.96 7.71 -22.92
N GLN B 18 10.30 7.15 -23.92
CA GLN B 18 9.02 7.62 -24.42
C GLN B 18 7.98 6.57 -24.10
N TRP B 19 6.96 6.97 -23.33
CA TRP B 19 5.92 6.08 -22.87
C TRP B 19 4.83 5.93 -23.92
N LEU B 20 4.21 4.75 -23.94
CA LEU B 20 3.13 4.43 -24.86
C LEU B 20 1.95 3.80 -24.16
N ASN B 21 0.75 4.20 -24.57
CA ASN B 21 -0.45 3.47 -24.17
C ASN B 21 -0.97 2.58 -25.31
N ARG B 22 -0.58 2.91 -26.55
CA ARG B 22 -1.13 2.26 -27.74
C ARG B 22 -0.38 0.98 -28.09
N ARG B 23 -0.09 0.20 -27.05
CA ARG B 23 0.44 -1.13 -27.21
C ARG B 23 -0.50 -2.10 -26.54
N ALA B 24 -0.52 -3.32 -27.05
CA ALA B 24 -1.24 -4.40 -26.40
C ALA B 24 -0.67 -4.52 -24.99
N ASN B 25 -1.56 -4.48 -24.00
CA ASN B 25 -1.15 -4.56 -22.59
C ASN B 25 -0.47 -3.30 -22.00
N ALA B 26 -0.76 -2.16 -22.60
CA ALA B 26 -0.55 -0.89 -21.93
C ALA B 26 -1.96 -0.39 -21.75
N LEU B 27 -2.16 0.50 -20.80
CA LEU B 27 -3.51 0.84 -20.37
C LEU B 27 -3.64 2.31 -20.01
N LEU B 28 -4.71 2.94 -20.50
CA LEU B 28 -5.22 4.17 -19.91
C LEU B 28 -6.72 3.95 -19.73
N ALA B 29 -7.21 3.99 -18.50
CA ALA B 29 -8.65 3.80 -18.28
C ALA B 29 -9.22 4.82 -17.30
N ASN B 30 -10.51 5.12 -17.46
CA ASN B 30 -11.26 5.96 -16.51
C ASN B 30 -10.70 7.36 -16.31
N GLY B 31 -10.17 7.95 -17.38
CA GLY B 31 -9.81 9.35 -17.38
C GLY B 31 -8.34 9.71 -17.38
N VAL B 32 -7.46 8.76 -17.04
CA VAL B 32 -6.02 9.06 -17.11
C VAL B 32 -5.65 9.26 -18.61
N GLU B 33 -4.87 10.29 -18.88
CA GLU B 33 -4.43 10.56 -20.24
C GLU B 33 -2.92 10.52 -20.21
N LEU B 34 -2.33 10.37 -21.39
CA LEU B 34 -0.91 10.51 -21.56
C LEU B 34 -0.68 11.64 -22.56
N ARG B 35 0.03 12.67 -22.12
CA ARG B 35 0.20 13.86 -22.93
C ARG B 35 1.54 14.48 -22.62
N ASP B 36 2.29 14.81 -23.68
CA ASP B 36 3.66 15.32 -23.54
C ASP B 36 4.48 14.35 -22.71
N ASN B 37 4.23 13.04 -22.89
CA ASN B 37 5.04 12.00 -22.25
C ASN B 37 4.75 11.86 -20.73
N GLN B 38 3.63 12.42 -20.27
CA GLN B 38 3.30 12.45 -18.85
C GLN B 38 1.92 11.85 -18.64
N LEU B 39 1.73 11.17 -17.51
CA LEU B 39 0.39 10.75 -17.14
C LEU B 39 -0.35 11.92 -16.48
N VAL B 40 -1.59 12.14 -16.91
CA VAL B 40 -2.37 13.28 -16.44
C VAL B 40 -3.50 12.71 -15.61
N VAL B 41 -3.58 13.12 -14.34
CA VAL B 41 -4.57 12.53 -13.46
C VAL B 41 -5.91 13.25 -13.66
N PRO B 42 -7.00 12.47 -13.78
CA PRO B 42 -8.30 13.08 -14.13
C PRO B 42 -9.07 13.64 -12.93
N SER B 43 -8.75 13.16 -11.73
CA SER B 43 -9.47 13.58 -10.51
C SER B 43 -8.61 13.48 -9.25
N GLU B 44 -8.90 14.37 -8.30
CA GLU B 44 -8.26 14.41 -7.00
C GLU B 44 -8.37 13.02 -6.36
N GLY B 45 -7.33 12.58 -5.67
CA GLY B 45 -7.45 11.29 -4.99
C GLY B 45 -6.13 10.77 -4.47
N LEU B 46 -6.18 9.57 -3.89
CA LEU B 46 -4.97 8.89 -3.46
C LEU B 46 -4.58 7.85 -4.50
N TYR B 47 -3.31 7.90 -4.92
CA TYR B 47 -2.84 7.08 -6.05
C TYR B 47 -1.59 6.33 -5.69
N LEU B 48 -1.62 5.02 -5.89
CA LEU B 48 -0.43 4.18 -5.86
C LEU B 48 0.30 4.44 -7.19
N ILE B 49 1.59 4.82 -7.14
CA ILE B 49 2.35 5.10 -8.36
C ILE B 49 3.58 4.19 -8.36
N TYR B 50 3.93 3.60 -9.49
CA TYR B 50 5.02 2.63 -9.52
C TYR B 50 5.68 2.69 -10.90
N SER B 51 6.95 2.29 -10.96
CA SER B 51 7.63 2.14 -12.26
C SER B 51 8.72 1.09 -12.11
N GLN B 52 9.14 0.53 -13.24
CA GLN B 52 10.34 -0.27 -13.31
C GLN B 52 11.07 0.17 -14.56
N VAL B 53 12.37 0.37 -14.45
CA VAL B 53 13.23 0.58 -15.60
C VAL B 53 14.34 -0.46 -15.59
N LEU B 54 14.59 -1.07 -16.73
CA LEU B 54 15.71 -1.99 -16.84
C LEU B 54 16.88 -1.37 -17.57
N PHE B 55 17.97 -1.16 -16.85
CA PHE B 55 19.19 -0.69 -17.48
C PHE B 55 20.08 -1.88 -17.78
N LYS B 56 20.81 -1.78 -18.90
CA LYS B 56 21.75 -2.80 -19.34
C LYS B 56 22.96 -2.14 -19.98
N GLY B 57 24.15 -2.51 -19.52
CA GLY B 57 25.37 -2.12 -20.23
C GLY B 57 26.28 -3.28 -20.58
N GLN B 58 27.17 -3.04 -21.53
CA GLN B 58 28.15 -4.02 -21.96
C GLN B 58 29.53 -3.64 -21.40
N GLY B 59 29.85 -4.21 -20.24
CA GLY B 59 31.11 -3.93 -19.59
C GLY B 59 31.15 -2.61 -18.84
N CYS B 60 32.22 -2.43 -18.06
CA CYS B 60 32.42 -1.23 -17.27
C CYS B 60 33.64 -0.44 -17.72
N PRO B 61 33.45 0.53 -18.64
CA PRO B 61 34.57 1.37 -19.07
C PRO B 61 35.04 2.29 -17.95
N SER B 62 34.16 2.56 -16.99
CA SER B 62 34.41 3.52 -15.93
C SER B 62 33.62 3.12 -14.68
N THR B 63 34.15 3.47 -13.52
CA THR B 63 33.44 3.29 -12.26
C THR B 63 32.47 4.44 -12.00
N HIS B 64 32.47 5.44 -12.89
CA HIS B 64 31.68 6.65 -12.67
C HIS B 64 30.29 6.59 -13.28
N VAL B 65 29.94 5.48 -13.96
CA VAL B 65 28.57 5.33 -14.45
C VAL B 65 27.58 5.56 -13.30
N LEU B 66 26.55 6.32 -13.57
CA LEU B 66 25.54 6.70 -12.60
C LEU B 66 24.20 6.58 -13.30
N LEU B 67 23.29 5.80 -12.73
CA LEU B 67 21.94 5.64 -13.29
C LEU B 67 20.94 6.25 -12.34
N THR B 68 20.05 7.07 -12.88
CA THR B 68 19.00 7.62 -12.03
C THR B 68 17.64 7.33 -12.61
N HIS B 69 16.68 7.16 -11.73
CA HIS B 69 15.31 7.05 -12.15
C HIS B 69 14.43 7.82 -11.18
N THR B 70 13.51 8.63 -11.71
CA THR B 70 12.67 9.44 -10.84
C THR B 70 11.27 9.47 -11.34
N ILE B 71 10.36 9.71 -10.41
CA ILE B 71 8.96 10.03 -10.78
C ILE B 71 8.65 11.36 -10.13
N SER B 72 8.16 12.29 -10.93
CA SER B 72 7.88 13.66 -10.47
C SER B 72 6.47 14.00 -10.74
N ARG B 73 5.98 15.00 -10.03
CA ARG B 73 4.62 15.52 -10.12
C ARG B 73 4.71 17.00 -10.51
N ILE B 74 3.89 17.41 -11.46
CA ILE B 74 3.72 18.85 -11.73
C ILE B 74 2.24 19.18 -11.52
N ALA B 75 1.98 20.08 -10.59
CA ALA B 75 0.63 20.46 -10.22
C ALA B 75 0.26 21.75 -10.95
N VAL B 76 -1.00 21.84 -11.34
CA VAL B 76 -1.45 22.97 -12.15
C VAL B 76 -1.19 24.27 -11.42
N SER B 77 -1.46 24.29 -10.11
CA SER B 77 -1.41 25.53 -9.31
C SER B 77 -0.03 25.83 -8.74
N TYR B 78 0.94 24.99 -9.07
CA TYR B 78 2.28 25.10 -8.49
C TYR B 78 3.32 25.26 -9.59
N GLN B 79 3.16 24.48 -10.66
CA GLN B 79 4.06 24.49 -11.82
C GLN B 79 5.54 24.14 -11.53
N THR B 80 5.92 24.04 -10.25
CA THR B 80 7.26 23.55 -9.93
C THR B 80 7.28 22.00 -10.03
N LYS B 81 8.35 21.46 -10.58
CA LYS B 81 8.48 20.02 -10.73
C LYS B 81 8.97 19.46 -9.42
N VAL B 82 8.17 18.62 -8.79
CA VAL B 82 8.57 18.09 -7.48
C VAL B 82 8.69 16.58 -7.50
N ASN B 83 9.85 16.09 -7.09
CA ASN B 83 10.11 14.67 -7.04
C ASN B 83 9.27 13.93 -6.00
N LEU B 84 8.69 12.81 -6.43
CA LEU B 84 7.94 11.97 -5.52
C LEU B 84 8.81 10.81 -5.11
N LEU B 85 9.45 10.20 -6.10
CA LEU B 85 10.29 9.03 -5.90
C LEU B 85 11.54 9.14 -6.74
N SER B 86 12.65 8.66 -6.20
CA SER B 86 13.91 8.65 -6.94
C SER B 86 14.76 7.50 -6.44
N ALA B 87 15.59 6.97 -7.33
CA ALA B 87 16.68 6.08 -6.97
C ALA B 87 17.90 6.34 -7.84
N ILE B 88 19.05 5.99 -7.30
CA ILE B 88 20.33 6.13 -7.98
C ILE B 88 21.05 4.79 -7.85
N LYS B 89 21.72 4.36 -8.91
CA LYS B 89 22.54 3.14 -8.91
C LYS B 89 23.91 3.39 -9.54
N SER B 90 24.96 2.83 -8.96
CA SER B 90 26.28 2.81 -9.60
C SER B 90 26.58 1.35 -9.99
N PRO B 91 26.33 0.96 -11.26
CA PRO B 91 26.45 -0.44 -11.71
C PRO B 91 27.89 -0.98 -11.74
N CYS B 92 28.85 -0.08 -11.90
CA CYS B 92 30.24 -0.45 -12.14
C CYS B 92 31.15 -0.12 -10.96
N GLN B 93 31.46 -1.14 -10.16
CA GLN B 93 32.38 -0.94 -9.05
C GLN B 93 33.85 -1.04 -9.48
N ARG B 94 34.09 -1.65 -10.64
CA ARG B 94 35.46 -1.84 -11.14
C ARG B 94 35.59 -1.57 -12.64
N LYS B 103 31.66 -8.15 -20.16
CA LYS B 103 30.49 -8.84 -19.60
C LYS B 103 29.29 -7.89 -19.33
N PRO B 104 28.07 -8.33 -19.70
CA PRO B 104 26.91 -7.44 -19.54
C PRO B 104 26.45 -7.31 -18.10
N TRP B 105 26.16 -6.09 -17.67
CA TRP B 105 25.51 -5.88 -16.37
C TRP B 105 24.06 -5.47 -16.58
N TYR B 106 23.24 -5.83 -15.59
CA TYR B 106 21.83 -5.43 -15.56
C TYR B 106 21.48 -4.77 -14.23
N GLU B 107 20.70 -3.70 -14.31
CA GLU B 107 20.23 -3.00 -13.10
C GLU B 107 18.79 -2.58 -13.31
N PRO B 108 17.85 -3.39 -12.83
CA PRO B 108 16.46 -2.92 -12.79
C PRO B 108 16.34 -1.91 -11.65
N ILE B 109 15.64 -0.81 -11.89
CA ILE B 109 15.34 0.18 -10.84
C ILE B 109 13.82 0.18 -10.67
N TYR B 110 13.38 0.03 -9.43
CA TYR B 110 11.96 -0.01 -9.10
C TYR B 110 11.57 1.19 -8.23
N LEU B 111 10.49 1.88 -8.58
CA LEU B 111 9.93 2.94 -7.73
C LEU B 111 8.47 2.67 -7.41
N GLY B 112 8.04 2.95 -6.19
CA GLY B 112 6.67 2.70 -5.80
C GLY B 112 6.34 3.48 -4.55
N GLY B 113 5.14 4.06 -4.51
CA GLY B 113 4.70 4.85 -3.36
C GLY B 113 3.24 5.22 -3.55
N VAL B 114 2.67 5.90 -2.58
CA VAL B 114 1.23 6.20 -2.58
C VAL B 114 1.06 7.67 -2.17
N PHE B 115 0.49 8.46 -3.08
CA PHE B 115 0.52 9.92 -3.01
C PHE B 115 -0.83 10.55 -3.23
N GLN B 116 -1.06 11.69 -2.55
CA GLN B 116 -2.25 12.53 -2.79
C GLN B 116 -2.01 13.41 -3.99
N LEU B 117 -2.91 13.28 -4.95
CA LEU B 117 -2.75 13.92 -6.24
C LEU B 117 -4.00 14.72 -6.51
N GLU B 118 -3.88 15.76 -7.31
CA GLU B 118 -5.00 16.64 -7.67
C GLU B 118 -5.36 16.48 -9.11
N LYS B 119 -6.59 16.84 -9.43
CA LYS B 119 -7.02 16.95 -10.80
C LYS B 119 -5.97 17.70 -11.61
N GLY B 120 -5.57 17.12 -12.74
CA GLY B 120 -4.68 17.78 -13.67
C GLY B 120 -3.20 17.61 -13.39
N ASP B 121 -2.85 16.99 -12.26
CA ASP B 121 -1.43 16.78 -11.99
C ASP B 121 -0.85 16.00 -13.16
N ARG B 122 0.40 16.30 -13.47
CA ARG B 122 1.16 15.62 -14.52
C ARG B 122 2.30 14.82 -13.88
N LEU B 123 2.34 13.53 -14.14
CA LEU B 123 3.34 12.63 -13.59
C LEU B 123 4.36 12.25 -14.64
N SER B 124 5.63 12.50 -14.32
CA SER B 124 6.75 12.20 -15.19
C SER B 124 7.56 11.05 -14.61
N ALA B 125 7.99 10.12 -15.47
CA ALA B 125 8.93 9.09 -15.02
C ALA B 125 10.14 9.12 -15.91
N GLU B 126 11.29 9.51 -15.37
CA GLU B 126 12.43 9.81 -16.24
C GLU B 126 13.67 9.10 -15.76
N ILE B 127 14.66 9.05 -16.64
CA ILE B 127 15.96 8.44 -16.35
C ILE B 127 17.04 9.41 -16.89
N ASN B 128 18.29 9.25 -16.46
CA ASN B 128 19.39 10.08 -16.97
C ASN B 128 20.17 9.45 -18.15
N ARG B 129 20.05 8.13 -18.32
CA ARG B 129 20.89 7.40 -19.32
C ARG B 129 20.06 6.49 -20.22
N PRO B 130 19.30 7.09 -21.16
CA PRO B 130 18.51 6.31 -22.14
C PRO B 130 19.35 5.41 -23.06
N ASP B 131 20.65 5.66 -23.14
CA ASP B 131 21.54 4.74 -23.84
C ASP B 131 21.74 3.41 -23.09
N TYR B 132 21.50 3.39 -21.78
CA TYR B 132 21.57 2.12 -21.04
C TYR B 132 20.20 1.45 -20.91
N LEU B 133 19.18 2.04 -21.53
CA LEU B 133 17.83 1.52 -21.36
C LEU B 133 17.69 0.22 -22.12
N ASP B 134 17.12 -0.79 -21.47
CA ASP B 134 16.93 -2.08 -22.12
C ASP B 134 15.45 -2.33 -22.31
N PHE B 135 14.94 -1.95 -23.47
CA PHE B 135 13.59 -2.31 -23.89
C PHE B 135 13.60 -3.30 -25.06
N ALA B 136 14.63 -4.16 -25.12
CA ALA B 136 14.75 -5.18 -26.19
C ALA B 136 13.56 -6.12 -26.21
N GLU B 137 13.22 -6.63 -25.03
CA GLU B 137 12.02 -7.43 -24.84
C GLU B 137 10.95 -6.57 -24.18
N SER B 138 9.69 -6.93 -24.42
CA SER B 138 8.56 -6.26 -23.81
C SER B 138 8.45 -6.55 -22.31
N GLY B 139 7.88 -5.59 -21.58
CA GLY B 139 7.60 -5.74 -20.13
C GLY B 139 8.70 -5.28 -19.20
N GLN B 140 9.79 -4.78 -19.78
CA GLN B 140 10.98 -4.42 -19.00
C GLN B 140 11.01 -2.96 -18.50
N VAL B 141 10.25 -2.08 -19.13
CA VAL B 141 10.22 -0.67 -18.72
C VAL B 141 8.78 -0.24 -18.69
N TYR B 142 8.28 0.13 -17.51
CA TYR B 142 6.90 0.52 -17.39
C TYR B 142 6.66 1.50 -16.24
N PHE B 143 5.49 2.12 -16.26
CA PHE B 143 5.13 3.26 -15.41
C PHE B 143 3.62 3.22 -15.27
N GLY B 144 3.11 3.22 -14.04
CA GLY B 144 1.67 3.16 -13.85
C GLY B 144 1.17 3.82 -12.57
N ILE B 145 -0.15 4.02 -12.52
CA ILE B 145 -0.82 4.60 -11.35
C ILE B 145 -2.15 3.88 -11.14
N ILE B 146 -2.58 3.79 -9.90
CA ILE B 146 -3.86 3.18 -9.57
C ILE B 146 -4.51 4.04 -8.54
N ALA B 147 -5.67 4.62 -8.87
CA ALA B 147 -6.43 5.37 -7.88
C ALA B 147 -6.95 4.45 -6.82
N LEU B 148 -6.78 4.87 -5.57
CA LEU B 148 -7.21 4.09 -4.43
C LEU B 148 -8.52 4.62 -3.85
N ASP C 1 5.13 -17.66 7.40
CA ASP C 1 4.69 -18.32 8.68
C ASP C 1 4.36 -17.28 9.76
N LYS C 2 4.36 -16.01 9.36
CA LYS C 2 3.92 -14.90 10.17
C LYS C 2 2.40 -14.89 10.30
N PRO C 3 1.90 -14.77 11.54
CA PRO C 3 0.48 -14.75 11.87
C PRO C 3 -0.29 -13.69 11.09
N VAL C 4 -1.41 -14.10 10.51
CA VAL C 4 -2.28 -13.18 9.77
C VAL C 4 -3.73 -13.60 10.01
N ALA C 5 -4.64 -12.63 9.97
CA ALA C 5 -6.06 -12.90 10.13
C ALA C 5 -6.89 -11.89 9.37
N HIS C 6 -8.03 -12.36 8.89
CA HIS C 6 -9.02 -11.50 8.26
C HIS C 6 -10.37 -12.14 8.43
N VAL C 7 -11.10 -11.67 9.43
CA VAL C 7 -12.44 -12.18 9.70
C VAL C 7 -13.48 -11.20 9.15
N VAL C 8 -14.61 -11.74 8.69
CA VAL C 8 -15.74 -10.95 8.20
C VAL C 8 -16.98 -11.16 9.08
N ALA C 9 -17.86 -10.18 9.11
CA ALA C 9 -19.01 -10.18 10.02
C ALA C 9 -20.13 -11.13 9.56
N ASN C 10 -20.75 -11.80 10.51
CA ASN C 10 -21.90 -12.64 10.20
C ASN C 10 -23.14 -11.76 10.03
N PRO C 11 -23.64 -11.65 8.80
CA PRO C 11 -24.80 -10.81 8.47
C PRO C 11 -26.09 -11.36 9.10
N GLN C 12 -26.05 -12.62 9.52
CA GLN C 12 -27.23 -13.32 10.01
C GLN C 12 -27.23 -13.42 11.53
N ALA C 13 -26.36 -12.65 12.19
CA ALA C 13 -26.31 -12.64 13.66
C ALA C 13 -27.32 -11.63 14.21
N GLU C 14 -27.82 -11.89 15.41
CA GLU C 14 -28.91 -11.09 15.99
C GLU C 14 -28.41 -10.09 17.04
N GLY C 15 -28.54 -8.81 16.70
CA GLY C 15 -28.17 -7.72 17.61
C GLY C 15 -26.72 -7.76 18.08
N GLN C 16 -25.85 -8.24 17.20
CA GLN C 16 -24.41 -8.41 17.51
C GLN C 16 -23.54 -8.15 16.28
N LEU C 17 -22.36 -7.60 16.51
CA LEU C 17 -21.30 -7.70 15.52
C LEU C 17 -20.53 -8.99 15.83
N GLN C 18 -20.71 -10.01 14.99
CA GLN C 18 -20.14 -11.34 15.22
C GLN C 18 -19.21 -11.74 14.09
N TRP C 19 -17.97 -12.13 14.43
CA TRP C 19 -16.98 -12.48 13.40
C TRP C 19 -17.02 -13.96 12.96
N LEU C 20 -17.05 -14.17 11.66
CA LEU C 20 -17.01 -15.51 11.07
C LEU C 20 -15.56 -15.98 10.93
N ASN C 21 -15.33 -17.24 11.30
CA ASN C 21 -14.15 -17.98 10.85
C ASN C 21 -14.33 -18.41 9.39
N LEU C 27 -9.94 -15.99 6.55
CA LEU C 27 -8.50 -16.23 6.78
C LEU C 27 -8.12 -16.13 8.25
N LEU C 28 -7.45 -17.18 8.74
CA LEU C 28 -7.09 -17.29 10.15
C LEU C 28 -5.88 -18.23 10.22
N ALA C 29 -4.69 -17.66 10.03
CA ALA C 29 -3.53 -18.47 9.68
C ALA C 29 -2.29 -18.25 10.55
N ASN C 30 -1.43 -19.27 10.59
CA ASN C 30 -0.18 -19.28 11.35
C ASN C 30 -0.37 -19.00 12.84
N GLY C 31 -1.43 -19.55 13.40
CA GLY C 31 -1.59 -19.55 14.85
C GLY C 31 -2.59 -18.58 15.40
N VAL C 32 -3.07 -17.66 14.57
CA VAL C 32 -4.15 -16.76 15.00
C VAL C 32 -5.42 -17.61 15.17
N GLU C 33 -6.09 -17.43 16.29
CA GLU C 33 -7.38 -18.08 16.55
C GLU C 33 -8.48 -17.03 16.66
N LEU C 34 -9.71 -17.45 16.33
CA LEU C 34 -10.90 -16.68 16.69
C LEU C 34 -11.64 -17.39 17.82
N ARG C 35 -11.62 -16.81 19.01
CA ARG C 35 -12.32 -17.38 20.17
C ARG C 35 -13.05 -16.27 20.92
N ASP C 36 -14.30 -16.55 21.32
CA ASP C 36 -15.13 -15.60 22.06
C ASP C 36 -15.33 -14.29 21.28
N ASN C 37 -15.45 -14.41 19.95
CA ASN C 37 -15.59 -13.25 19.05
C ASN C 37 -14.35 -12.34 19.01
N GLN C 38 -13.20 -12.87 19.44
CA GLN C 38 -11.96 -12.10 19.59
C GLN C 38 -10.81 -12.79 18.89
N LEU C 39 -9.89 -12.01 18.33
CA LEU C 39 -8.71 -12.60 17.70
C LEU C 39 -7.68 -12.85 18.78
N VAL C 40 -7.08 -14.04 18.77
CA VAL C 40 -6.09 -14.36 19.78
C VAL C 40 -4.74 -14.39 19.07
N VAL C 41 -3.77 -13.69 19.64
CA VAL C 41 -2.46 -13.58 19.00
C VAL C 41 -1.55 -14.74 19.47
N PRO C 42 -0.96 -15.47 18.51
CA PRO C 42 -0.12 -16.65 18.85
C PRO C 42 1.31 -16.38 19.32
N SER C 43 1.81 -15.16 19.09
CA SER C 43 3.17 -14.80 19.50
C SER C 43 3.36 -13.31 19.71
N GLU C 44 4.26 -12.97 20.64
CA GLU C 44 4.70 -11.60 20.89
C GLU C 44 5.25 -11.00 19.57
N GLY C 45 5.01 -9.71 19.36
CA GLY C 45 5.52 -9.03 18.18
C GLY C 45 4.71 -7.82 17.75
N LEU C 46 5.10 -7.25 16.61
CA LEU C 46 4.45 -6.07 16.09
C LEU C 46 3.37 -6.49 15.13
N TYR C 47 2.17 -5.98 15.35
CA TYR C 47 1.04 -6.33 14.51
C TYR C 47 0.43 -5.06 13.96
N LEU C 48 0.14 -5.08 12.66
CA LEU C 48 -0.83 -4.16 12.07
C LEU C 48 -2.22 -4.70 12.39
N ILE C 49 -3.06 -3.83 12.91
CA ILE C 49 -4.45 -4.18 13.23
C ILE C 49 -5.33 -3.25 12.42
N TYR C 50 -6.37 -3.80 11.81
CA TYR C 50 -7.31 -3.00 11.03
C TYR C 50 -8.72 -3.57 11.08
N SER C 51 -9.69 -2.70 10.82
CA SER C 51 -11.08 -3.09 10.67
C SER C 51 -11.86 -2.06 9.87
N GLN C 52 -12.97 -2.52 9.29
CA GLN C 52 -13.94 -1.64 8.65
C GLN C 52 -15.32 -2.17 9.02
N VAL C 53 -16.20 -1.29 9.46
CA VAL C 53 -17.61 -1.60 9.65
C VAL C 53 -18.39 -0.60 8.81
N LEU C 54 -19.43 -1.05 8.14
CA LEU C 54 -20.30 -0.15 7.38
C LEU C 54 -21.65 0.00 8.07
N PHE C 55 -22.12 1.24 8.15
CA PHE C 55 -23.43 1.55 8.73
C PHE C 55 -24.31 2.22 7.69
N LYS C 56 -25.58 1.87 7.69
CA LYS C 56 -26.53 2.57 6.83
C LYS C 56 -27.85 2.80 7.56
N GLY C 57 -28.56 3.84 7.15
CA GLY C 57 -29.82 4.20 7.78
C GLY C 57 -30.74 4.86 6.78
N GLN C 58 -32.03 4.87 7.12
CA GLN C 58 -33.05 5.45 6.25
C GLN C 58 -33.54 6.75 6.87
N GLY C 59 -33.17 7.87 6.24
CA GLY C 59 -33.50 9.20 6.76
C GLY C 59 -32.98 9.48 8.16
N CYS C 60 -33.39 10.60 8.73
CA CYS C 60 -32.87 11.03 10.04
C CYS C 60 -33.97 11.25 11.08
N PRO C 61 -33.89 10.50 12.20
CA PRO C 61 -34.94 10.49 13.22
C PRO C 61 -34.92 11.70 14.15
N SER C 62 -35.42 11.52 15.37
CA SER C 62 -35.53 12.58 16.37
C SER C 62 -34.51 12.41 17.50
N THR C 63 -34.24 11.16 17.85
CA THR C 63 -33.12 10.84 18.75
C THR C 63 -31.84 10.86 17.91
N HIS C 64 -30.84 11.59 18.39
CA HIS C 64 -29.62 11.82 17.62
C HIS C 64 -28.69 10.61 17.60
N VAL C 65 -28.40 10.11 16.40
CA VAL C 65 -27.67 8.86 16.21
C VAL C 65 -26.14 9.02 16.21
N LEU C 66 -25.50 8.42 17.21
CA LEU C 66 -24.04 8.28 17.23
C LEU C 66 -23.62 6.85 16.91
N LEU C 67 -22.67 6.72 16.00
CA LEU C 67 -22.12 5.43 15.59
C LEU C 67 -20.68 5.32 16.04
N THR C 68 -20.39 4.35 16.91
CA THR C 68 -19.04 4.17 17.47
C THR C 68 -18.49 2.84 17.02
N HIS C 69 -17.18 2.81 16.82
CA HIS C 69 -16.49 1.56 16.51
C HIS C 69 -15.12 1.61 17.17
N THR C 70 -14.75 0.53 17.86
CA THR C 70 -13.50 0.46 18.61
C THR C 70 -12.84 -0.91 18.58
N ILE C 71 -11.52 -0.91 18.47
CA ILE C 71 -10.72 -2.11 18.67
C ILE C 71 -10.07 -2.04 20.04
N SER C 72 -10.20 -3.14 20.80
CA SER C 72 -9.65 -3.22 22.16
C SER C 72 -8.68 -4.38 22.29
N ARG C 73 -7.70 -4.21 23.17
CA ARG C 73 -6.72 -5.23 23.47
C ARG C 73 -7.00 -5.72 24.88
N ILE C 74 -7.27 -7.01 25.00
CA ILE C 74 -7.30 -7.63 26.33
C ILE C 74 -5.99 -8.37 26.56
N ALA C 75 -5.13 -7.71 27.34
CA ALA C 75 -3.84 -8.24 27.68
C ALA C 75 -4.02 -9.23 28.82
N VAL C 76 -4.10 -10.51 28.44
CA VAL C 76 -4.31 -11.62 29.36
C VAL C 76 -3.15 -11.75 30.36
N THR C 80 -5.22 -6.60 32.08
CA THR C 80 -5.60 -5.23 31.67
C THR C 80 -6.36 -5.19 30.33
N LYS C 81 -7.22 -4.19 30.18
CA LYS C 81 -7.94 -3.97 28.93
C LYS C 81 -7.85 -2.49 28.51
N VAL C 82 -7.64 -2.25 27.22
CA VAL C 82 -7.58 -0.87 26.74
C VAL C 82 -7.98 -0.71 25.26
N ASN C 83 -8.62 0.43 24.96
CA ASN C 83 -8.92 0.84 23.60
C ASN C 83 -7.61 1.07 22.84
N LEU C 84 -7.45 0.35 21.74
CA LEU C 84 -6.35 0.60 20.82
C LEU C 84 -6.73 1.68 19.81
N LEU C 85 -7.91 1.56 19.22
CA LEU C 85 -8.33 2.40 18.10
C LEU C 85 -9.80 2.63 18.20
N SER C 86 -10.23 3.88 18.04
CA SER C 86 -11.64 4.21 18.14
C SER C 86 -12.04 5.40 17.28
N ALA C 87 -13.24 5.33 16.71
CA ALA C 87 -13.76 6.47 15.96
C ALA C 87 -15.28 6.53 16.05
N ILE C 88 -15.79 7.75 15.91
CA ILE C 88 -17.21 8.04 16.10
C ILE C 88 -17.69 8.86 14.92
N LYS C 89 -18.90 8.56 14.46
CA LYS C 89 -19.55 9.33 13.40
C LYS C 89 -20.98 9.68 13.78
N SER C 90 -21.45 10.82 13.28
CA SER C 90 -22.78 11.33 13.54
C SER C 90 -23.45 11.57 12.21
N PRO C 91 -24.18 10.55 11.68
CA PRO C 91 -24.68 10.58 10.30
C PRO C 91 -25.77 11.62 10.02
N CYS C 92 -26.39 12.17 11.07
CA CYS C 92 -27.43 13.19 10.88
C CYS C 92 -27.05 14.51 11.54
N PRO C 104 -31.64 8.58 2.66
CA PRO C 104 -30.85 7.47 3.19
C PRO C 104 -29.35 7.81 3.28
N TRP C 105 -28.74 7.47 4.41
CA TRP C 105 -27.33 7.77 4.68
C TRP C 105 -26.46 6.52 4.79
N TYR C 106 -25.19 6.68 4.43
CA TYR C 106 -24.20 5.60 4.45
C TYR C 106 -22.92 6.13 5.09
N GLU C 107 -22.42 5.42 6.10
CA GLU C 107 -21.18 5.81 6.77
C GLU C 107 -20.26 4.61 7.00
N PRO C 108 -19.00 4.70 6.53
CA PRO C 108 -17.96 3.76 6.96
C PRO C 108 -17.21 4.28 8.18
N ILE C 109 -16.68 3.37 8.98
CA ILE C 109 -15.72 3.73 10.00
C ILE C 109 -14.56 2.76 9.85
N TYR C 110 -13.37 3.31 9.70
CA TYR C 110 -12.15 2.52 9.51
C TYR C 110 -11.30 2.70 10.74
N LEU C 111 -10.49 1.69 11.04
CA LEU C 111 -9.50 1.80 12.11
C LEU C 111 -8.25 1.05 11.67
N GLY C 112 -7.10 1.56 12.09
CA GLY C 112 -5.85 0.84 11.83
C GLY C 112 -4.64 1.42 12.50
N GLY C 113 -3.72 0.55 12.90
CA GLY C 113 -2.40 1.00 13.30
C GLY C 113 -1.48 -0.14 13.59
N VAL C 114 -0.25 0.19 13.98
CA VAL C 114 0.70 -0.83 14.41
C VAL C 114 0.81 -0.84 15.95
N PHE C 115 0.80 -2.05 16.51
CA PHE C 115 0.86 -2.27 17.95
C PHE C 115 1.78 -3.42 18.27
N GLN C 116 2.47 -3.30 19.41
CA GLN C 116 3.27 -4.36 19.99
C GLN C 116 2.32 -5.19 20.86
N LEU C 117 2.17 -6.46 20.51
CA LEU C 117 1.25 -7.34 21.23
C LEU C 117 2.01 -8.48 21.89
N GLU C 118 1.40 -9.04 22.93
CA GLU C 118 1.97 -10.16 23.68
C GLU C 118 1.26 -11.45 23.30
N LYS C 119 1.94 -12.58 23.47
CA LYS C 119 1.38 -13.89 23.16
C LYS C 119 0.09 -14.13 23.95
N GLY C 120 -0.95 -14.59 23.26
CA GLY C 120 -2.22 -14.86 23.93
C GLY C 120 -3.02 -13.61 24.27
N ASP C 121 -2.60 -12.44 23.77
CA ASP C 121 -3.47 -11.27 23.82
C ASP C 121 -4.69 -11.53 22.94
N ARG C 122 -5.81 -10.92 23.32
CA ARG C 122 -7.04 -11.08 22.58
C ARG C 122 -7.45 -9.73 22.05
N LEU C 123 -8.03 -9.72 20.86
CA LEU C 123 -8.40 -8.45 20.24
C LEU C 123 -9.88 -8.45 19.88
N SER C 124 -10.61 -7.44 20.37
CA SER C 124 -12.01 -7.29 19.99
C SER C 124 -12.22 -6.07 19.11
N ALA C 125 -13.09 -6.21 18.11
CA ALA C 125 -13.56 -5.09 17.33
C ALA C 125 -15.08 -5.03 17.51
N GLU C 126 -15.56 -3.92 18.05
CA GLU C 126 -16.92 -3.79 18.53
C GLU C 126 -17.55 -2.49 18.02
N ILE C 127 -18.89 -2.48 18.00
CA ILE C 127 -19.69 -1.28 17.67
C ILE C 127 -20.78 -1.04 18.73
N ASN C 128 -21.47 0.09 18.60
CA ASN C 128 -22.50 0.42 19.57
C ASN C 128 -23.88 0.10 19.02
N ARG C 129 -24.00 0.10 17.70
CA ARG C 129 -25.30 -0.01 17.02
C ARG C 129 -25.33 -1.07 15.93
N PRO C 130 -25.42 -2.36 16.33
CA PRO C 130 -25.47 -3.47 15.38
C PRO C 130 -26.64 -3.38 14.41
N ASP C 131 -27.74 -2.78 14.84
CA ASP C 131 -28.94 -2.63 14.01
C ASP C 131 -28.71 -1.79 12.75
N TYR C 132 -27.74 -0.88 12.81
CA TYR C 132 -27.44 0.00 11.68
C TYR C 132 -26.46 -0.63 10.68
N LEU C 133 -25.86 -1.75 11.05
CA LEU C 133 -24.89 -2.43 10.18
C LEU C 133 -25.43 -2.61 8.77
N ASP C 134 -24.52 -2.48 7.81
CA ASP C 134 -24.84 -2.52 6.39
C ASP C 134 -24.16 -3.73 5.72
N PHE C 135 -24.96 -4.76 5.45
CA PHE C 135 -24.49 -6.00 4.83
C PHE C 135 -24.85 -6.07 3.35
N ALA C 136 -25.09 -4.92 2.73
CA ALA C 136 -25.41 -4.87 1.30
C ALA C 136 -24.28 -5.42 0.45
N GLU C 137 -23.04 -5.00 0.73
CA GLU C 137 -21.85 -5.60 0.13
C GLU C 137 -21.30 -6.65 1.08
N SER C 138 -21.09 -7.85 0.56
CA SER C 138 -20.56 -8.95 1.36
C SER C 138 -19.06 -8.79 1.64
N GLY C 139 -18.67 -9.05 2.88
CA GLY C 139 -17.26 -9.02 3.29
C GLY C 139 -16.65 -7.63 3.33
N GLN C 140 -17.48 -6.59 3.41
CA GLN C 140 -16.99 -5.20 3.49
C GLN C 140 -16.95 -4.74 4.92
N VAL C 141 -17.37 -5.65 5.80
CA VAL C 141 -17.29 -5.50 7.23
C VAL C 141 -16.31 -6.57 7.73
N TYR C 142 -15.13 -6.11 8.15
CA TYR C 142 -14.02 -7.00 8.49
C TYR C 142 -13.13 -6.47 9.63
N PHE C 143 -12.18 -7.32 10.01
CA PHE C 143 -11.31 -7.09 11.14
C PHE C 143 -10.16 -8.04 10.87
N GLY C 144 -8.95 -7.51 10.88
CA GLY C 144 -7.80 -8.35 10.71
C GLY C 144 -6.55 -7.87 11.37
N ILE C 145 -5.55 -8.76 11.39
CA ILE C 145 -4.20 -8.46 11.86
C ILE C 145 -3.19 -9.07 10.90
N ILE C 146 -2.05 -8.41 10.76
CA ILE C 146 -0.94 -9.00 10.03
C ILE C 146 0.31 -8.75 10.86
N ALA C 147 1.04 -9.82 11.18
CA ALA C 147 2.26 -9.70 11.98
C ALA C 147 3.35 -9.13 11.10
N LEU C 148 4.13 -8.20 11.64
CA LEU C 148 5.26 -7.65 10.91
C LEU C 148 6.52 -8.47 11.18
N ASP D 1 14.18 -5.90 11.50
CA ASP D 1 14.13 -4.87 12.59
C ASP D 1 13.61 -3.52 12.08
N LYS D 2 12.44 -3.54 11.45
CA LYS D 2 11.87 -2.36 10.78
C LYS D 2 11.48 -1.22 11.72
N PRO D 3 11.94 0.01 11.41
CA PRO D 3 11.43 1.16 12.15
C PRO D 3 9.92 1.27 12.06
N VAL D 4 9.30 1.55 13.19
CA VAL D 4 7.86 1.61 13.29
C VAL D 4 7.54 2.55 14.43
N ALA D 5 6.43 3.27 14.32
CA ALA D 5 5.94 4.12 15.41
C ALA D 5 4.43 4.24 15.36
N HIS D 6 3.84 4.47 16.54
CA HIS D 6 2.42 4.76 16.64
C HIS D 6 2.24 5.60 17.90
N VAL D 7 1.94 6.88 17.73
CA VAL D 7 1.84 7.80 18.85
C VAL D 7 0.40 8.32 18.92
N VAL D 8 0.04 8.80 20.10
CA VAL D 8 -1.35 9.11 20.45
C VAL D 8 -1.36 10.47 21.07
N ALA D 9 -2.50 11.14 21.00
CA ALA D 9 -2.58 12.51 21.49
C ALA D 9 -2.60 12.45 23.04
N ASN D 10 -2.07 13.50 23.65
CA ASN D 10 -2.02 13.65 25.10
C ASN D 10 -3.32 14.30 25.57
N PRO D 11 -4.17 13.54 26.29
CA PRO D 11 -5.49 14.05 26.72
C PRO D 11 -5.40 15.09 27.82
N GLN D 12 -4.20 15.35 28.32
CA GLN D 12 -4.02 16.35 29.36
C GLN D 12 -3.48 17.65 28.78
N ALA D 13 -3.17 17.63 27.48
CA ALA D 13 -2.64 18.82 26.82
C ALA D 13 -3.74 19.60 26.07
N GLU D 14 -4.36 20.55 26.77
CA GLU D 14 -5.46 21.34 26.19
C GLU D 14 -4.96 22.40 25.21
N GLY D 15 -5.70 22.57 24.10
CA GLY D 15 -5.33 23.54 23.07
C GLY D 15 -4.09 23.16 22.27
N GLN D 16 -3.67 21.91 22.43
CA GLN D 16 -2.53 21.37 21.69
C GLN D 16 -2.86 20.00 21.18
N LEU D 17 -2.25 19.61 20.06
CA LEU D 17 -2.16 18.23 19.65
C LEU D 17 -0.71 17.77 19.90
N GLN D 18 -0.51 17.23 21.10
CA GLN D 18 0.79 16.74 21.57
C GLN D 18 0.77 15.22 21.56
N TRP D 19 1.78 14.64 20.92
CA TRP D 19 1.87 13.21 20.73
C TRP D 19 2.65 12.59 21.86
N LEU D 20 2.25 11.36 22.20
CA LEU D 20 2.89 10.62 23.26
C LEU D 20 3.26 9.24 22.81
N ASN D 21 4.44 8.81 23.24
CA ASN D 21 4.81 7.41 23.09
C ASN D 21 4.71 6.67 24.42
N ARG D 22 4.85 7.41 25.52
CA ARG D 22 4.89 6.81 26.87
C ARG D 22 3.50 6.53 27.44
N ARG D 23 2.69 5.87 26.61
CA ARG D 23 1.40 5.36 27.00
C ARG D 23 1.37 3.90 26.60
N ALA D 24 0.52 3.14 27.28
CA ALA D 24 0.28 1.76 26.95
C ALA D 24 -0.29 1.75 25.55
N ASN D 25 0.31 0.94 24.69
CA ASN D 25 -0.16 0.80 23.31
C ASN D 25 0.08 2.02 22.39
N ALA D 26 1.06 2.83 22.77
CA ALA D 26 1.74 3.74 21.85
C ALA D 26 3.11 3.14 21.70
N LEU D 27 3.76 3.39 20.59
CA LEU D 27 4.94 2.64 20.20
C LEU D 27 6.02 3.49 19.49
N LEU D 28 7.26 3.35 19.94
CA LEU D 28 8.43 3.75 19.18
C LEU D 28 9.33 2.52 19.14
N ALA D 29 9.60 1.99 17.96
CA ALA D 29 10.49 0.84 17.85
C ALA D 29 11.57 0.95 16.78
N ASN D 30 12.73 0.34 17.07
CA ASN D 30 13.80 0.17 16.08
C ASN D 30 14.33 1.48 15.48
N GLY D 31 14.40 2.49 16.33
CA GLY D 31 15.09 3.71 15.95
C GLY D 31 14.28 4.96 15.77
N VAL D 32 12.96 4.81 15.60
CA VAL D 32 12.09 5.99 15.46
C VAL D 32 12.09 6.68 16.82
N GLU D 33 12.24 8.00 16.82
CA GLU D 33 12.23 8.77 18.06
C GLU D 33 11.11 9.78 17.96
N LEU D 34 10.67 10.31 19.10
CA LEU D 34 9.72 11.39 19.12
C LEU D 34 10.40 12.57 19.81
N ARG D 35 10.56 13.67 19.10
CA ARG D 35 11.28 14.81 19.66
C ARG D 35 10.71 16.10 19.13
N ASP D 36 10.40 17.02 20.04
CA ASP D 36 9.72 18.26 19.69
C ASP D 36 8.40 17.98 18.97
N ASN D 37 7.69 16.93 19.39
CA ASN D 37 6.34 16.62 18.88
C ASN D 37 6.36 16.04 17.45
N GLN D 38 7.54 15.63 16.99
CA GLN D 38 7.71 15.11 15.62
C GLN D 38 8.30 13.71 15.65
N LEU D 39 7.89 12.84 14.71
CA LEU D 39 8.58 11.56 14.57
C LEU D 39 9.84 11.74 13.73
N VAL D 40 10.94 11.15 14.22
CA VAL D 40 12.26 11.31 13.61
C VAL D 40 12.63 9.97 13.03
N VAL D 41 12.91 9.94 11.74
CA VAL D 41 13.13 8.67 11.08
C VAL D 41 14.61 8.32 11.21
N PRO D 42 14.89 7.06 11.60
CA PRO D 42 16.27 6.70 11.91
C PRO D 42 17.12 6.33 10.69
N SER D 43 16.49 6.04 9.56
CA SER D 43 17.21 5.57 8.36
C SER D 43 16.39 5.73 7.08
N GLU D 44 17.08 5.95 5.95
CA GLU D 44 16.40 6.16 4.68
C GLU D 44 15.56 4.95 4.30
N GLY D 45 14.45 5.18 3.63
CA GLY D 45 13.60 4.06 3.29
C GLY D 45 12.24 4.48 2.79
N LEU D 46 11.41 3.47 2.49
CA LEU D 46 10.03 3.68 2.11
C LEU D 46 9.13 3.46 3.33
N TYR D 47 8.24 4.41 3.63
CA TYR D 47 7.44 4.37 4.85
C TYR D 47 5.99 4.62 4.53
N LEU D 48 5.15 3.70 4.99
CA LEU D 48 3.71 3.92 5.11
C LEU D 48 3.49 4.87 6.29
N ILE D 49 2.81 5.99 6.07
CA ILE D 49 2.61 6.98 7.13
C ILE D 49 1.10 7.16 7.23
N TYR D 50 0.55 7.25 8.44
CA TYR D 50 -0.90 7.31 8.58
C TYR D 50 -1.28 8.09 9.83
N SER D 51 -2.49 8.63 9.84
CA SER D 51 -3.00 9.27 11.04
C SER D 51 -4.51 9.25 11.04
N GLN D 52 -5.09 9.41 12.23
CA GLN D 52 -6.52 9.66 12.39
C GLN D 52 -6.63 10.74 13.44
N VAL D 53 -7.44 11.74 13.21
CA VAL D 53 -7.78 12.69 14.25
C VAL D 53 -9.30 12.71 14.37
N LEU D 54 -9.81 12.70 15.58
CA LEU D 54 -11.25 12.82 15.78
C LEU D 54 -11.63 14.20 16.25
N PHE D 55 -12.38 14.89 15.39
CA PHE D 55 -12.93 16.17 15.77
C PHE D 55 -14.36 16.01 16.25
N LYS D 56 -14.73 16.85 17.21
CA LYS D 56 -16.09 16.87 17.75
C LYS D 56 -16.47 18.29 18.15
N GLY D 57 -17.67 18.72 17.77
CA GLY D 57 -18.23 19.96 18.28
C GLY D 57 -19.67 19.85 18.75
N GLN D 58 -20.09 20.82 19.56
CA GLN D 58 -21.45 20.92 20.03
C GLN D 58 -22.18 21.99 19.23
N GLY D 59 -22.97 21.55 18.25
CA GLY D 59 -23.71 22.45 17.40
C GLY D 59 -22.89 23.17 16.34
N CYS D 60 -23.60 23.96 15.53
CA CYS D 60 -23.01 24.72 14.46
C CYS D 60 -23.35 26.21 14.59
N PRO D 61 -22.50 26.96 15.31
CA PRO D 61 -22.76 28.40 15.51
C PRO D 61 -22.58 29.16 14.20
N SER D 62 -21.67 28.65 13.37
CA SER D 62 -21.34 29.24 12.09
C SER D 62 -21.24 28.14 11.03
N THR D 63 -21.46 28.49 9.77
CA THR D 63 -21.22 27.59 8.64
C THR D 63 -19.73 27.65 8.22
N HIS D 64 -18.95 28.50 8.89
CA HIS D 64 -17.57 28.76 8.49
C HIS D 64 -16.52 27.95 9.25
N VAL D 65 -16.96 27.02 10.11
CA VAL D 65 -16.01 26.11 10.76
C VAL D 65 -15.23 25.32 9.69
N LEU D 66 -13.90 25.36 9.80
CA LEU D 66 -13.02 24.65 8.89
C LEU D 66 -12.01 23.84 9.69
N LEU D 67 -11.99 22.54 9.48
CA LEU D 67 -11.06 21.64 10.19
C LEU D 67 -10.04 21.18 9.18
N THR D 68 -8.76 21.28 9.52
CA THR D 68 -7.68 20.79 8.67
C THR D 68 -6.82 19.82 9.44
N HIS D 69 -6.29 18.86 8.71
CA HIS D 69 -5.33 17.95 9.26
C HIS D 69 -4.25 17.68 8.24
N THR D 70 -2.99 17.71 8.66
CA THR D 70 -1.88 17.57 7.71
C THR D 70 -0.78 16.74 8.31
N ILE D 71 -0.06 16.06 7.43
CA ILE D 71 1.21 15.42 7.82
C ILE D 71 2.27 16.01 6.90
N SER D 72 3.35 16.48 7.48
CA SER D 72 4.40 17.08 6.67
C SER D 72 5.76 16.58 7.10
N ARG D 73 6.72 16.77 6.22
CA ARG D 73 8.06 16.24 6.33
C ARG D 73 9.03 17.41 6.42
N ILE D 74 10.04 17.31 7.27
CA ILE D 74 11.12 18.29 7.25
C ILE D 74 12.41 17.52 7.12
N ALA D 75 13.13 17.74 6.02
CA ALA D 75 14.35 17.02 5.74
C ALA D 75 15.53 17.84 6.26
N VAL D 76 16.54 17.16 6.79
CA VAL D 76 17.73 17.84 7.31
C VAL D 76 18.38 18.71 6.24
N SER D 77 18.41 18.21 5.01
CA SER D 77 19.13 18.81 3.89
C SER D 77 18.36 19.93 3.20
N TYR D 78 17.06 19.99 3.45
CA TYR D 78 16.16 20.91 2.75
C TYR D 78 15.11 21.37 3.75
N GLN D 79 15.52 22.30 4.62
CA GLN D 79 14.79 22.65 5.85
C GLN D 79 13.35 23.16 5.66
N THR D 80 12.85 23.12 4.43
CA THR D 80 11.49 23.51 4.09
C THR D 80 10.49 22.49 4.65
N LYS D 81 9.35 22.98 5.13
CA LYS D 81 8.28 22.13 5.58
C LYS D 81 7.43 21.80 4.39
N VAL D 82 7.42 20.52 4.02
CA VAL D 82 6.69 20.10 2.84
C VAL D 82 5.55 19.14 3.20
N ASN D 83 4.34 19.50 2.79
CA ASN D 83 3.20 18.66 3.06
C ASN D 83 3.22 17.34 2.30
N LEU D 84 2.98 16.25 3.02
CA LEU D 84 2.85 14.95 2.41
C LEU D 84 1.38 14.63 2.19
N LEU D 85 0.58 14.84 3.23
CA LEU D 85 -0.84 14.55 3.19
C LEU D 85 -1.60 15.67 3.86
N SER D 86 -2.79 15.97 3.34
CA SER D 86 -3.65 16.98 3.94
C SER D 86 -5.10 16.69 3.64
N ALA D 87 -5.98 17.09 4.55
CA ALA D 87 -7.41 17.07 4.29
C ALA D 87 -8.06 18.26 4.99
N ILE D 88 -9.18 18.69 4.43
CA ILE D 88 -9.94 19.81 4.93
C ILE D 88 -11.38 19.32 5.06
N LYS D 89 -12.05 19.70 6.15
CA LYS D 89 -13.47 19.40 6.33
C LYS D 89 -14.26 20.62 6.81
N SER D 90 -15.46 20.80 6.26
CA SER D 90 -16.41 21.78 6.74
C SER D 90 -17.58 21.03 7.39
N PRO D 91 -17.54 20.84 8.73
CA PRO D 91 -18.53 20.01 9.45
C PRO D 91 -19.92 20.61 9.58
N CYS D 92 -20.04 21.93 9.35
CA CYS D 92 -21.26 22.68 9.59
C CYS D 92 -21.85 23.28 8.32
N GLN D 93 -22.87 22.62 7.79
CA GLN D 93 -23.60 23.14 6.63
C GLN D 93 -24.65 24.19 7.02
N ARG D 94 -25.06 24.18 8.28
CA ARG D 94 -26.02 25.16 8.81
C ARG D 94 -25.61 25.64 10.20
N ALA D 102 -29.09 21.78 19.30
CA ALA D 102 -27.63 21.87 19.29
C ALA D 102 -27.00 20.53 19.70
N LYS D 103 -26.97 19.60 18.73
CA LYS D 103 -26.45 18.25 18.96
C LYS D 103 -25.02 18.08 18.43
N PRO D 104 -24.27 17.10 18.99
CA PRO D 104 -22.85 17.07 18.68
C PRO D 104 -22.52 16.45 17.32
N TRP D 105 -21.66 17.13 16.55
CA TRP D 105 -21.15 16.55 15.30
C TRP D 105 -19.79 15.93 15.52
N TYR D 106 -19.49 14.90 14.74
CA TYR D 106 -18.20 14.25 14.79
C TYR D 106 -17.61 14.20 13.38
N GLU D 107 -16.31 14.46 13.25
CA GLU D 107 -15.66 14.37 11.94
C GLU D 107 -14.28 13.77 12.10
N PRO D 108 -14.17 12.43 11.91
CA PRO D 108 -12.84 11.84 11.88
C PRO D 108 -12.17 12.22 10.57
N ILE D 109 -10.86 12.51 10.62
CA ILE D 109 -10.07 12.79 9.41
C ILE D 109 -8.96 11.74 9.37
N TYR D 110 -8.85 11.04 8.25
CA TYR D 110 -7.84 9.99 8.08
C TYR D 110 -6.83 10.36 7.00
N LEU D 111 -5.56 10.17 7.27
CA LEU D 111 -4.53 10.40 6.27
C LEU D 111 -3.67 9.16 6.22
N GLY D 112 -3.25 8.78 5.00
CA GLY D 112 -2.38 7.65 4.80
C GLY D 112 -1.70 7.71 3.44
N GLY D 113 -0.43 7.30 3.36
CA GLY D 113 0.30 7.27 2.09
C GLY D 113 1.63 6.59 2.29
N VAL D 114 2.40 6.45 1.21
CA VAL D 114 3.65 5.68 1.26
C VAL D 114 4.76 6.55 0.63
N PHE D 115 5.76 6.89 1.43
CA PHE D 115 6.72 7.91 1.10
C PHE D 115 8.16 7.48 1.23
N GLN D 116 9.00 8.00 0.33
CA GLN D 116 10.45 7.84 0.40
C GLN D 116 10.96 8.88 1.39
N LEU D 117 11.52 8.40 2.51
CA LEU D 117 11.99 9.29 3.59
C LEU D 117 13.48 9.10 3.78
N GLU D 118 14.14 10.12 4.30
CA GLU D 118 15.58 10.09 4.53
C GLU D 118 15.90 10.03 5.99
N LYS D 119 17.11 9.55 6.29
CA LYS D 119 17.61 9.53 7.64
C LYS D 119 17.45 10.90 8.23
N GLY D 120 16.80 10.96 9.40
CA GLY D 120 16.72 12.20 10.13
C GLY D 120 15.54 13.07 9.77
N ASP D 121 14.75 12.67 8.77
CA ASP D 121 13.52 13.43 8.45
C ASP D 121 12.68 13.52 9.71
N ARG D 122 11.95 14.62 9.83
CA ARG D 122 11.03 14.87 10.94
C ARG D 122 9.62 14.95 10.37
N LEU D 123 8.69 14.16 10.92
CA LEU D 123 7.31 14.12 10.47
C LEU D 123 6.41 14.76 11.49
N SER D 124 5.63 15.72 11.03
CA SER D 124 4.68 16.43 11.85
C SER D 124 3.28 16.00 11.47
N ALA D 125 2.39 15.82 12.44
CA ALA D 125 0.98 15.66 12.13
C ALA D 125 0.19 16.69 12.90
N GLU D 126 -0.46 17.59 12.17
CA GLU D 126 -0.98 18.79 12.80
C GLU D 126 -2.44 19.02 12.44
N ILE D 127 -3.10 19.84 13.26
CA ILE D 127 -4.47 20.26 13.04
C ILE D 127 -4.55 21.76 13.24
N ASN D 128 -5.64 22.39 12.80
CA ASN D 128 -5.86 23.84 12.99
C ASN D 128 -6.73 24.16 14.22
N ARG D 129 -7.54 23.20 14.67
CA ARG D 129 -8.54 23.44 15.72
C ARG D 129 -8.46 22.45 16.89
N PRO D 130 -7.40 22.57 17.72
CA PRO D 130 -7.29 21.66 18.86
C PRO D 130 -8.45 21.76 19.87
N ASP D 131 -9.23 22.84 19.82
CA ASP D 131 -10.43 22.95 20.65
C ASP D 131 -11.56 22.03 20.18
N TYR D 132 -11.53 21.57 18.93
CA TYR D 132 -12.49 20.56 18.46
C TYR D 132 -11.96 19.14 18.57
N LEU D 133 -10.72 19.00 19.01
CA LEU D 133 -10.10 17.69 19.13
C LEU D 133 -10.82 16.91 20.20
N ASP D 134 -11.11 15.66 19.88
CA ASP D 134 -11.78 14.77 20.81
C ASP D 134 -10.83 13.62 21.22
N PHE D 135 -10.22 13.76 22.39
CA PHE D 135 -9.45 12.68 22.97
C PHE D 135 -10.02 12.26 24.33
N ALA D 136 -11.35 12.25 24.42
CA ALA D 136 -12.08 11.87 25.64
C ALA D 136 -11.88 10.40 25.96
N GLU D 137 -11.85 9.60 24.90
CA GLU D 137 -11.56 8.19 24.98
C GLU D 137 -10.23 7.93 24.28
N SER D 138 -9.54 6.88 24.70
CA SER D 138 -8.31 6.46 24.07
C SER D 138 -8.57 5.90 22.68
N GLY D 139 -7.56 5.99 21.82
CA GLY D 139 -7.63 5.41 20.49
C GLY D 139 -8.19 6.28 19.39
N GLN D 140 -8.56 7.52 19.71
CA GLN D 140 -9.26 8.38 18.74
C GLN D 140 -8.36 9.32 17.93
N VAL D 141 -7.17 9.61 18.45
CA VAL D 141 -6.23 10.51 17.77
C VAL D 141 -4.90 9.78 17.77
N TYR D 142 -4.38 9.47 16.58
CA TYR D 142 -3.11 8.80 16.49
C TYR D 142 -2.36 9.10 15.17
N PHE D 143 -1.07 8.76 15.16
CA PHE D 143 -0.10 9.12 14.10
C PHE D 143 0.96 8.04 14.11
N GLY D 144 1.23 7.42 12.97
CA GLY D 144 2.20 6.35 12.94
C GLY D 144 2.90 6.15 11.61
N ILE D 145 4.00 5.40 11.64
CA ILE D 145 4.76 5.10 10.44
C ILE D 145 5.27 3.65 10.50
N ILE D 146 5.42 3.02 9.33
CA ILE D 146 5.92 1.66 9.22
C ILE D 146 6.89 1.62 8.06
N ALA D 147 8.16 1.35 8.33
CA ALA D 147 9.16 1.14 7.30
C ALA D 147 8.82 -0.11 6.50
N LEU D 148 8.89 0.02 5.18
CA LEU D 148 8.51 -1.07 4.27
C LEU D 148 9.73 -1.72 3.63
F9 307 E . 1.96 -4.52 -8.33
C7 307 E . 2.42 -3.29 -8.59
F10 307 E . 1.32 -2.56 -8.53
F8 307 E . 2.93 -3.16 -9.80
C6 307 E . 3.32 -2.89 -7.44
C11 307 E . 4.06 -3.82 -6.72
C5 307 E . 3.34 -1.56 -7.05
C4 307 E . 4.12 -1.20 -5.96
C3 307 E . 4.86 -2.16 -5.28
C1 307 E . 4.88 -3.52 -5.61
N2 307 E . 5.61 -4.42 -4.90
C12 307 E . 6.36 -4.08 -3.82
C16 307 E . 5.69 -5.73 -5.19
C20 307 E . 5.17 -6.65 -6.17
C19 307 E . 5.53 -8.02 -6.10
C18 307 E . 6.39 -8.51 -5.11
C15 307 E . 6.54 -6.23 -4.24
C17 307 E . 6.92 -7.63 -4.17
C13 307 E . 7.01 -5.26 -3.40
C14 307 E . 7.89 -5.57 -2.21
N21 307 E . 9.20 -5.08 -1.93
C22 307 E . 10.33 -5.57 -2.71
C23 307 E . 9.32 -4.26 -0.74
C24 307 E . 10.15 -3.02 -1.01
N25 307 E . 9.41 -2.14 -1.92
C28 307 E . 7.98 -1.86 -1.78
C26 307 E . 10.22 -1.53 -2.94
C27 307 E . 9.49 -1.49 -4.26
C29 307 E . 9.05 -0.29 -4.68
O30 307 E . 8.69 -0.12 -6.07
C31 307 E . 8.36 -1.22 -6.81
C32 307 E . 8.62 -2.49 -6.32
C35 307 E . 8.31 -3.62 -7.07
C33 307 E . 9.30 -2.60 -5.00
O34 307 E . 9.72 -3.69 -4.65
C40 307 E . 7.77 -1.06 -8.05
C38 307 E . 7.44 -2.18 -8.81
C39 307 E . 6.79 -1.92 -10.14
C36 307 E . 7.70 -3.46 -8.31
C37 307 E . 7.36 -4.72 -9.08
F9 307 F . -3.61 -0.02 9.36
C7 307 F . -3.05 1.17 9.18
F10 307 F . -1.79 0.87 8.95
F8 307 F . -3.05 1.94 10.23
C6 307 F . -3.58 1.78 7.90
C11 307 F . -4.82 1.42 7.33
C5 307 F . -2.74 2.65 7.23
C4 307 F . -3.17 3.18 6.03
C3 307 F . -4.41 2.83 5.50
C1 307 F . -5.31 1.94 6.11
N2 307 F . -6.49 1.68 5.50
C12 307 F . -6.84 2.22 4.31
C16 307 F . -7.47 0.87 5.98
C20 307 F . -7.71 0.06 7.14
C19 307 F . -8.92 -0.66 7.25
C18 307 F . -9.92 -0.59 6.27
C15 307 F . -8.46 0.93 5.02
C17 307 F . -9.72 0.20 5.13
C13 307 F . -8.13 1.78 3.97
C14 307 F . -8.90 2.05 2.68
N21 307 F . -10.00 2.99 2.57
C22 307 F . -11.18 2.83 3.40
C23 307 F . -10.03 4.05 1.56
C24 307 F . -8.69 4.16 0.84
N25 307 F . -7.74 4.89 1.68
C28 307 F . -6.39 4.33 1.77
C26 307 F . -8.13 6.10 2.41
C27 307 F . -7.50 6.09 3.79
C29 307 F . -6.37 6.81 4.00
O30 307 F . -5.85 7.01 5.35
C31 307 F . -6.27 6.18 6.35
C32 307 F . -7.36 5.36 6.15
C35 307 F . -7.80 4.51 7.15
C33 307 F . -8.03 5.37 4.79
O34 307 F . -9.05 4.72 4.63
C40 307 F . -5.61 6.19 7.59
C38 307 F . -6.05 5.37 8.61
C39 307 F . -5.33 5.41 9.93
C36 307 F . -7.16 4.51 8.39
C37 307 F . -7.66 3.58 9.46
#